data_6QLH
#
_entry.id   6QLH
#
_cell.length_a   142.124
_cell.length_b   142.124
_cell.length_c   142.124
_cell.angle_alpha   90.000
_cell.angle_beta   90.000
_cell.angle_gamma   90.000
#
_symmetry.space_group_name_H-M   'F 2 3'
#
loop_
_entity.id
_entity.type
_entity.pdbx_description
1 polymer 'Flavin prenyltransferase UbiX'
2 non-polymer 'SODIUM ION'
3 non-polymer 'Isopentenyl phosphate'
4 non-polymer 1-DEOXY-1-(7,8-DIMETHYL-2,4-DIOXO-3,4-DIHYDRO-2H-BENZO[G]PTERIDIN-1-ID-10(5H)-YL)-5-O-PHOSPHONATO-D-RIBITOL
5 water water
#
_entity_poly.entity_id   1
_entity_poly.type   'polypeptide(L)'
_entity_poly.pdbx_seq_one_letter_code
;MHHHHHHSSGVDLGTENLYQSMSGPERITLAMTGASGAQYGLRLLDCLVQEEREVHFLISKAAQLVMATETDVALPAKPQ
AMQAFLTEYCGAAAGQIRVFGQNDWMAPPASGSSAPNAMVICPCSTGTLSAVATGACNNLIERAADVALKERRPLVLVPR
EAPFSSIHLENMLKLSNLGAVILPAAPGFYHQPQSVEDLVDFVVARILNTLGIPQDMLPRWGEQHLVSDE
;
_entity_poly.pdbx_strand_id   A
#
# COMPACT_ATOMS: atom_id res chain seq x y z
N MET A 22 -7.30 -11.57 16.01
CA MET A 22 -7.59 -11.07 14.67
C MET A 22 -6.81 -11.83 13.61
N SER A 23 -7.27 -11.73 12.36
CA SER A 23 -6.59 -12.34 11.22
C SER A 23 -5.77 -11.28 10.49
N GLY A 24 -4.56 -11.65 10.08
CA GLY A 24 -3.69 -10.73 9.40
C GLY A 24 -2.85 -9.92 10.35
N PRO A 25 -1.98 -9.07 9.80
CA PRO A 25 -1.03 -8.34 10.64
C PRO A 25 -1.69 -7.25 11.47
N GLU A 26 -1.17 -7.06 12.68
CA GLU A 26 -1.64 -5.98 13.54
C GLU A 26 -1.17 -4.62 13.05
N ARG A 27 0.02 -4.55 12.46
CA ARG A 27 0.62 -3.30 12.01
C ARG A 27 0.93 -3.39 10.53
N ILE A 28 0.63 -2.32 9.80
CA ILE A 28 0.93 -2.23 8.38
C ILE A 28 1.69 -0.93 8.13
N THR A 29 2.87 -1.04 7.50
CA THR A 29 3.54 0.14 6.95
C THR A 29 2.91 0.42 5.59
N LEU A 30 2.23 1.55 5.46
CA LEU A 30 1.61 1.95 4.20
C LEU A 30 2.41 3.12 3.65
N ALA A 31 3.07 2.89 2.51
CA ALA A 31 3.85 3.92 1.84
C ALA A 31 3.16 4.30 0.55
N MET A 32 2.96 5.59 0.34
CA MET A 32 2.42 6.09 -0.92
C MET A 32 3.54 6.78 -1.68
N THR A 33 3.74 6.37 -2.93
CA THR A 33 4.74 7.00 -3.78
C THR A 33 4.07 7.50 -5.06
N GLY A 34 4.85 8.20 -5.88
CA GLY A 34 4.32 9.08 -6.91
C GLY A 34 3.78 8.46 -8.19
N ALA A 35 3.20 7.26 -8.11
CA ALA A 35 2.44 6.78 -9.25
C ALA A 35 1.01 7.31 -9.17
N SER A 36 0.35 7.36 -10.33
CA SER A 36 -1.06 7.72 -10.34
C SER A 36 -1.86 6.68 -9.55
N GLY A 37 -2.95 7.15 -8.92
CA GLY A 37 -3.80 6.26 -8.16
C GLY A 37 -3.82 6.57 -6.68
N ALA A 38 -3.78 7.85 -6.33
CA ALA A 38 -3.85 8.24 -4.92
C ALA A 38 -5.11 7.68 -4.25
N GLN A 39 -6.20 7.53 -5.00
CA GLN A 39 -7.43 6.97 -4.42
C GLN A 39 -7.22 5.58 -3.87
N TYR A 40 -6.36 4.77 -4.50
CA TYR A 40 -6.12 3.42 -3.98
C TYR A 40 -5.50 3.49 -2.59
N GLY A 41 -4.49 4.33 -2.41
CA GLY A 41 -3.81 4.41 -1.12
C GLY A 41 -4.72 4.94 -0.02
N LEU A 42 -5.50 5.97 -0.32
CA LEU A 42 -6.41 6.54 0.67
C LEU A 42 -7.51 5.55 1.06
N ARG A 43 -8.04 4.80 0.08
CA ARG A 43 -9.07 3.81 0.39
C ARG A 43 -8.49 2.65 1.21
N LEU A 44 -7.26 2.23 0.89
CA LEU A 44 -6.61 1.19 1.68
C LEU A 44 -6.40 1.66 3.11
N LEU A 45 -5.91 2.89 3.29
CA LEU A 45 -5.75 3.47 4.62
C LEU A 45 -7.06 3.42 5.40
N ASP A 46 -8.14 3.86 4.74
CA ASP A 46 -9.47 3.85 5.35
C ASP A 46 -9.86 2.45 5.80
N CYS A 47 -9.70 1.45 4.92
CA CYS A 47 -10.06 0.09 5.26
C CYS A 47 -9.19 -0.47 6.38
N LEU A 48 -7.89 -0.16 6.37
CA LEU A 48 -7.03 -0.64 7.44
C LEU A 48 -7.44 -0.05 8.78
N VAL A 49 -7.81 1.22 8.80
CA VAL A 49 -8.28 1.86 10.04
C VAL A 49 -9.57 1.21 10.52
N GLN A 50 -10.50 0.93 9.60
CA GLN A 50 -11.76 0.31 9.99
C GLN A 50 -11.57 -1.11 10.51
N GLU A 51 -10.50 -1.80 10.10
CA GLU A 51 -10.18 -3.10 10.66
C GLU A 51 -9.30 -3.00 11.90
N GLU A 52 -9.21 -1.81 12.50
CA GLU A 52 -8.57 -1.60 13.79
C GLU A 52 -7.09 -1.97 13.75
N ARG A 53 -6.44 -1.71 12.62
CA ARG A 53 -5.02 -1.98 12.46
C ARG A 53 -4.22 -0.70 12.72
N GLU A 54 -3.00 -0.90 13.23
CA GLU A 54 -2.06 0.20 13.37
C GLU A 54 -1.36 0.43 12.03
N VAL A 55 -1.29 1.68 11.59
CA VAL A 55 -0.73 2.01 10.29
C VAL A 55 0.45 2.96 10.48
N HIS A 56 1.61 2.57 9.94
CA HIS A 56 2.78 3.45 9.89
C HIS A 56 2.81 4.06 8.50
N PHE A 57 2.44 5.32 8.40
CA PHE A 57 2.14 5.96 7.12
C PHE A 57 3.32 6.78 6.65
N LEU A 58 3.76 6.52 5.41
CA LEU A 58 4.85 7.22 4.76
C LEU A 58 4.37 7.72 3.41
N ILE A 59 4.82 8.90 2.99
CA ILE A 59 4.42 9.42 1.70
C ILE A 59 5.58 10.21 1.09
N SER A 60 5.83 9.99 -0.19
CA SER A 60 6.91 10.69 -0.87
C SER A 60 6.47 12.07 -1.31
N LYS A 61 7.46 12.92 -1.62
CA LYS A 61 7.16 14.26 -2.11
C LYS A 61 6.37 14.21 -3.42
N ALA A 62 6.75 13.32 -4.33
CA ALA A 62 6.01 13.20 -5.58
C ALA A 62 4.58 12.73 -5.33
N ALA A 63 4.39 11.80 -4.39
CA ALA A 63 3.04 11.33 -4.08
C ALA A 63 2.17 12.46 -3.53
N GLN A 64 2.77 13.39 -2.78
CA GLN A 64 1.97 14.53 -2.32
C GLN A 64 1.48 15.36 -3.49
N LEU A 65 2.29 15.49 -4.54
CA LEU A 65 1.83 16.22 -5.72
C LEU A 65 0.75 15.43 -6.46
N VAL A 66 0.90 14.11 -6.56
CA VAL A 66 -0.12 13.29 -7.18
C VAL A 66 -1.45 13.45 -6.45
N MET A 67 -1.42 13.41 -5.12
CA MET A 67 -2.64 13.51 -4.34
C MET A 67 -3.33 14.86 -4.57
N ALA A 68 -2.55 15.94 -4.66
CA ALA A 68 -3.12 17.25 -4.94
C ALA A 68 -3.70 17.32 -6.34
N THR A 69 -3.12 16.59 -7.30
CA THR A 69 -3.57 16.63 -8.68
C THR A 69 -4.84 15.81 -8.88
N GLU A 70 -4.93 14.66 -8.20
CA GLU A 70 -5.96 13.67 -8.49
C GLU A 70 -7.13 13.69 -7.53
N THR A 71 -7.01 14.38 -6.38
CA THR A 71 -8.06 14.38 -5.38
C THR A 71 -8.28 15.80 -4.87
N ASP A 72 -9.32 15.94 -4.04
CA ASP A 72 -9.58 17.17 -3.31
C ASP A 72 -9.11 17.08 -1.86
N VAL A 73 -8.33 16.06 -1.52
CA VAL A 73 -7.75 15.97 -0.19
C VAL A 73 -6.63 16.99 -0.05
N ALA A 74 -6.74 17.85 0.96
CA ALA A 74 -5.72 18.87 1.24
C ALA A 74 -4.83 18.32 2.34
N LEU A 75 -3.83 17.54 1.95
CA LEU A 75 -2.97 16.87 2.92
C LEU A 75 -1.87 17.81 3.39
N PRO A 76 -1.77 18.09 4.68
CA PRO A 76 -0.67 18.93 5.18
C PRO A 76 0.68 18.29 4.88
N ALA A 77 1.71 19.13 4.79
CA ALA A 77 3.02 18.67 4.33
C ALA A 77 3.90 18.10 5.44
N LYS A 78 3.78 18.60 6.66
CA LYS A 78 4.68 18.12 7.71
C LYS A 78 4.06 16.93 8.44
N PRO A 79 4.89 15.95 8.84
CA PRO A 79 4.34 14.70 9.38
C PRO A 79 3.29 14.88 10.48
N GLN A 80 3.52 15.81 11.39
CA GLN A 80 2.65 15.97 12.55
C GLN A 80 1.29 16.53 12.16
N ALA A 81 1.31 17.63 11.41
CA ALA A 81 0.07 18.14 10.86
C ALA A 81 -0.59 17.08 9.99
N MET A 82 0.22 16.35 9.22
CA MET A 82 -0.33 15.28 8.38
C MET A 82 -0.97 14.19 9.24
N GLN A 83 -0.34 13.84 10.35
CA GLN A 83 -0.89 12.81 11.22
C GLN A 83 -2.24 13.23 11.79
N ALA A 84 -2.33 14.46 12.28
CA ALA A 84 -3.60 14.96 12.80
C ALA A 84 -4.68 14.96 11.72
N PHE A 85 -4.33 15.37 10.49
CA PHE A 85 -5.30 15.41 9.41
C PHE A 85 -5.82 14.02 9.07
N LEU A 86 -4.91 13.06 8.90
CA LEU A 86 -5.33 11.72 8.49
C LEU A 86 -6.12 11.02 9.59
N THR A 87 -5.76 11.28 10.86
CA THR A 87 -6.53 10.70 11.95
C THR A 87 -7.99 11.14 11.89
N GLU A 88 -8.23 12.42 11.62
CA GLU A 88 -9.61 12.90 11.50
C GLU A 88 -10.26 12.43 10.20
N TYR A 89 -9.52 12.48 9.09
CA TYR A 89 -10.07 12.08 7.81
C TYR A 89 -10.58 10.64 7.83
N CYS A 90 -9.87 9.76 8.52
CA CYS A 90 -10.21 8.34 8.56
C CYS A 90 -11.10 7.97 9.75
N GLY A 91 -11.34 8.89 10.68
CA GLY A 91 -11.98 8.48 11.92
C GLY A 91 -11.16 7.54 12.74
N ALA A 92 -9.83 7.67 12.68
CA ALA A 92 -8.94 6.76 13.38
C ALA A 92 -8.84 7.12 14.86
N ALA A 93 -8.45 6.13 15.66
CA ALA A 93 -8.19 6.39 17.06
C ALA A 93 -6.85 7.10 17.25
N ALA A 94 -6.75 7.76 18.40
CA ALA A 94 -5.48 8.29 18.88
C ALA A 94 -4.34 7.29 18.74
N GLY A 95 -3.29 7.69 18.03
CA GLY A 95 -2.11 6.87 17.87
C GLY A 95 -2.25 5.71 16.91
N GLN A 96 -3.43 5.53 16.30
CA GLN A 96 -3.61 4.41 15.39
C GLN A 96 -2.84 4.63 14.08
N ILE A 97 -2.79 5.88 13.61
CA ILE A 97 -2.00 6.23 12.44
C ILE A 97 -0.75 6.97 12.92
N ARG A 98 0.42 6.39 12.66
CA ARG A 98 1.68 7.07 12.84
C ARG A 98 2.18 7.57 11.50
N VAL A 99 2.67 8.80 11.46
CA VAL A 99 3.26 9.37 10.25
C VAL A 99 4.74 9.61 10.51
N PHE A 100 5.59 9.14 9.60
CA PHE A 100 7.03 9.32 9.72
C PHE A 100 7.57 10.00 8.48
N GLY A 101 8.50 10.94 8.69
CA GLY A 101 9.11 11.66 7.60
C GLY A 101 10.11 10.82 6.82
N GLN A 102 10.50 11.35 5.66
CA GLN A 102 11.24 10.54 4.69
C GLN A 102 12.69 10.29 5.10
N ASN A 103 13.20 10.96 6.13
CA ASN A 103 14.54 10.70 6.62
C ASN A 103 14.55 10.33 8.10
N ASP A 104 13.42 9.86 8.63
CA ASP A 104 13.31 9.58 10.06
C ASP A 104 13.76 8.15 10.33
N TRP A 105 15.07 7.99 10.44
CA TRP A 105 15.66 6.68 10.69
C TRP A 105 15.39 6.16 12.09
N MET A 106 14.86 6.99 12.98
CA MET A 106 14.46 6.53 14.30
C MET A 106 13.08 5.88 14.31
N ALA A 107 12.39 5.85 13.16
CA ALA A 107 11.08 5.23 13.07
C ALA A 107 11.21 3.70 12.96
N PRO A 108 10.20 2.96 13.41
CA PRO A 108 10.28 1.48 13.43
C PRO A 108 10.62 0.90 12.06
N PRO A 109 10.02 1.35 10.96
CA PRO A 109 10.25 0.65 9.68
C PRO A 109 11.71 0.65 9.23
N ALA A 110 12.56 1.50 9.81
CA ALA A 110 13.94 1.62 9.34
C ALA A 110 14.82 0.45 9.80
N SER A 111 14.39 -0.34 10.78
CA SER A 111 15.25 -1.38 11.32
C SER A 111 14.48 -2.69 11.38
N GLY A 112 15.21 -3.79 11.12
CA GLY A 112 14.63 -5.11 11.27
C GLY A 112 14.43 -5.53 12.71
N SER A 113 15.00 -4.80 13.66
CA SER A 113 14.75 -5.10 15.07
C SER A 113 13.43 -4.52 15.56
N SER A 114 12.70 -3.83 14.70
CA SER A 114 11.38 -3.31 15.06
C SER A 114 10.38 -4.45 15.19
N ALA A 115 9.24 -4.14 15.81
CA ALA A 115 8.14 -5.09 15.84
C ALA A 115 7.69 -5.39 14.41
N PRO A 116 7.32 -6.63 14.11
CA PRO A 116 7.01 -6.99 12.72
C PRO A 116 5.79 -6.26 12.19
N ASN A 117 5.94 -5.69 10.99
CA ASN A 117 4.88 -5.07 10.21
C ASN A 117 4.77 -5.81 8.89
N ALA A 118 3.60 -5.74 8.28
CA ALA A 118 3.48 -5.94 6.84
C ALA A 118 3.63 -4.59 6.16
N MET A 119 4.16 -4.60 4.94
CA MET A 119 4.38 -3.35 4.21
C MET A 119 3.69 -3.38 2.85
N VAL A 120 3.03 -2.27 2.52
CA VAL A 120 2.39 -2.06 1.22
C VAL A 120 2.87 -0.73 0.67
N ILE A 121 3.29 -0.72 -0.59
CA ILE A 121 3.60 0.52 -1.30
C ILE A 121 2.49 0.69 -2.34
N CYS A 122 1.56 1.62 -2.07
CA CYS A 122 0.41 1.76 -2.93
C CYS A 122 -0.02 3.23 -3.01
N PRO A 123 0.13 3.88 -4.17
CA PRO A 123 0.72 3.38 -5.42
C PRO A 123 2.24 3.26 -5.31
N CYS A 124 2.85 2.44 -6.16
CA CYS A 124 4.30 2.27 -6.20
C CYS A 124 4.81 2.79 -7.54
N SER A 125 5.51 3.92 -7.52
CA SER A 125 6.05 4.49 -8.75
C SER A 125 7.09 3.56 -9.35
N THR A 126 7.37 3.76 -10.65
CA THR A 126 8.45 2.98 -11.26
C THR A 126 9.79 3.32 -10.61
N GLY A 127 9.94 4.54 -10.10
CA GLY A 127 11.17 4.90 -9.42
C GLY A 127 11.34 4.18 -8.09
N THR A 128 10.25 4.04 -7.33
CA THR A 128 10.35 3.30 -6.07
C THR A 128 10.50 1.81 -6.33
N LEU A 129 9.82 1.29 -7.35
CA LEU A 129 10.04 -0.09 -7.79
C LEU A 129 11.52 -0.35 -8.07
N SER A 130 12.16 0.57 -8.82
CA SER A 130 13.57 0.46 -9.13
C SER A 130 14.42 0.48 -7.86
N ALA A 131 14.17 1.46 -6.98
CA ALA A 131 14.97 1.59 -5.77
C ALA A 131 14.89 0.34 -4.90
N VAL A 132 13.69 -0.23 -4.76
CA VAL A 132 13.55 -1.43 -3.95
C VAL A 132 14.26 -2.60 -4.61
N ALA A 133 14.17 -2.70 -5.94
CA ALA A 133 14.80 -3.82 -6.64
C ALA A 133 16.32 -3.77 -6.53
N THR A 134 16.90 -2.57 -6.52
CA THR A 134 18.35 -2.42 -6.45
C THR A 134 18.86 -2.27 -5.03
N GLY A 135 17.99 -1.97 -4.07
CA GLY A 135 18.42 -1.78 -2.71
C GLY A 135 18.90 -0.39 -2.36
N ALA A 136 18.39 0.64 -3.05
CA ALA A 136 18.95 1.99 -2.95
C ALA A 136 18.85 2.57 -1.54
N CYS A 137 17.77 2.29 -0.81
CA CYS A 137 17.59 2.79 0.57
C CYS A 137 17.84 4.29 0.69
N ASN A 138 17.33 5.08 -0.26
CA ASN A 138 17.63 6.51 -0.23
C ASN A 138 16.73 7.31 0.69
N ASN A 139 15.63 6.73 1.16
CA ASN A 139 14.71 7.39 2.07
C ASN A 139 14.06 6.31 2.93
N LEU A 140 13.17 6.72 3.83
CA LEU A 140 12.58 5.76 4.76
C LEU A 140 11.70 4.73 4.04
N ILE A 141 10.99 5.13 2.98
CA ILE A 141 10.17 4.16 2.25
C ILE A 141 11.06 3.06 1.66
N GLU A 142 12.14 3.46 1.00
CA GLU A 142 13.02 2.49 0.36
C GLU A 142 13.74 1.63 1.39
N ARG A 143 14.22 2.24 2.47
CA ARG A 143 14.86 1.47 3.54
C ARG A 143 13.86 0.52 4.20
N ALA A 144 12.62 0.96 4.39
CA ALA A 144 11.62 0.08 5.01
C ALA A 144 11.35 -1.15 4.14
N ALA A 145 11.31 -0.97 2.81
CA ALA A 145 11.11 -2.11 1.94
C ALA A 145 12.33 -3.03 1.95
N ASP A 146 13.52 -2.46 2.01
CA ASP A 146 14.75 -3.25 2.10
C ASP A 146 14.74 -4.09 3.37
N VAL A 147 14.27 -3.51 4.47
CA VAL A 147 14.15 -4.23 5.73
C VAL A 147 13.11 -5.35 5.63
N ALA A 148 11.96 -5.06 5.03
CA ALA A 148 10.94 -6.10 4.86
C ALA A 148 11.51 -7.31 4.13
N LEU A 149 12.27 -7.06 3.07
CA LEU A 149 12.83 -8.16 2.28
C LEU A 149 13.84 -8.95 3.09
N LYS A 150 14.73 -8.27 3.83
CA LYS A 150 15.78 -9.00 4.55
C LYS A 150 15.24 -9.75 5.75
N GLU A 151 14.14 -9.29 6.34
CA GLU A 151 13.49 -9.99 7.44
C GLU A 151 12.42 -10.96 6.98
N ARG A 152 12.17 -11.04 5.67
CA ARG A 152 11.13 -11.88 5.08
C ARG A 152 9.75 -11.57 5.67
N ARG A 153 9.50 -10.28 5.88
CA ARG A 153 8.19 -9.78 6.25
C ARG A 153 7.41 -9.37 5.00
N PRO A 154 6.08 -9.42 5.04
CA PRO A 154 5.30 -9.17 3.82
C PRO A 154 5.61 -7.82 3.18
N LEU A 155 5.76 -7.85 1.86
CA LEU A 155 5.96 -6.63 1.08
C LEU A 155 5.10 -6.72 -0.18
N VAL A 156 4.16 -5.79 -0.32
CA VAL A 156 3.25 -5.73 -1.46
C VAL A 156 3.52 -4.42 -2.20
N LEU A 157 3.75 -4.52 -3.50
CA LEU A 157 3.98 -3.36 -4.35
C LEU A 157 2.82 -3.22 -5.33
N VAL A 158 2.29 -2.01 -5.44
CA VAL A 158 1.15 -1.75 -6.31
C VAL A 158 1.55 -0.76 -7.39
N PRO A 159 2.22 -1.20 -8.46
CA PRO A 159 2.60 -0.26 -9.51
C PRO A 159 1.42 0.16 -10.36
N ARG A 160 1.52 1.35 -10.94
CA ARG A 160 0.53 1.85 -11.90
C ARG A 160 1.33 2.45 -13.05
N GLU A 161 1.39 1.73 -14.17
CA GLU A 161 2.20 2.17 -15.30
C GLU A 161 1.73 1.39 -16.52
N ALA A 162 1.80 2.03 -17.68
CA ALA A 162 1.47 1.37 -18.94
C ALA A 162 2.02 2.21 -20.09
N PRO A 163 2.74 1.60 -21.04
CA PRO A 163 3.24 0.21 -21.02
C PRO A 163 4.24 -0.02 -19.90
N PHE A 164 4.45 -1.28 -19.53
CA PHE A 164 5.61 -1.69 -18.73
C PHE A 164 6.78 -1.93 -19.67
N SER A 165 7.91 -1.25 -19.45
CA SER A 165 9.11 -1.55 -20.23
C SER A 165 9.81 -2.77 -19.65
N SER A 166 10.84 -3.24 -20.37
CA SER A 166 11.62 -4.34 -19.82
C SER A 166 12.37 -3.95 -18.55
N ILE A 167 12.66 -2.66 -18.36
CA ILE A 167 13.27 -2.25 -17.10
C ILE A 167 12.29 -2.47 -15.95
N HIS A 168 11.05 -1.99 -16.12
CA HIS A 168 10.01 -2.24 -15.13
C HIS A 168 9.83 -3.73 -14.86
N LEU A 169 9.73 -4.52 -15.93
CA LEU A 169 9.43 -5.94 -15.78
C LEU A 169 10.56 -6.68 -15.09
N GLU A 170 11.81 -6.37 -15.42
CA GLU A 170 12.93 -7.03 -14.75
C GLU A 170 12.96 -6.69 -13.26
N ASN A 171 12.65 -5.44 -12.91
CA ASN A 171 12.62 -5.06 -11.49
C ASN A 171 11.50 -5.79 -10.76
N MET A 172 10.32 -5.89 -11.39
CA MET A 172 9.22 -6.61 -10.75
C MET A 172 9.53 -8.10 -10.63
N LEU A 173 10.15 -8.67 -11.66
CA LEU A 173 10.49 -10.10 -11.63
C LEU A 173 11.51 -10.40 -10.53
N LYS A 174 12.55 -9.57 -10.41
CA LYS A 174 13.52 -9.76 -9.35
C LYS A 174 12.85 -9.77 -7.98
N LEU A 175 11.96 -8.82 -7.74
CA LEU A 175 11.33 -8.72 -6.42
C LEU A 175 10.35 -9.85 -6.19
N SER A 176 9.58 -10.23 -7.21
CA SER A 176 8.67 -11.36 -7.05
C SER A 176 9.44 -12.64 -6.74
N ASN A 177 10.59 -12.83 -7.40
CA ASN A 177 11.42 -14.00 -7.12
C ASN A 177 11.89 -14.02 -5.67
N LEU A 178 12.03 -12.85 -5.05
CA LEU A 178 12.49 -12.74 -3.68
C LEU A 178 11.36 -12.73 -2.66
N GLY A 179 10.12 -12.89 -3.10
CA GLY A 179 8.99 -13.04 -2.19
C GLY A 179 8.05 -11.85 -2.14
N ALA A 180 8.41 -10.72 -2.75
CA ALA A 180 7.50 -9.58 -2.80
C ALA A 180 6.28 -9.92 -3.64
N VAL A 181 5.14 -9.34 -3.28
CA VAL A 181 3.91 -9.52 -4.05
C VAL A 181 3.76 -8.33 -4.99
N ILE A 182 3.85 -8.60 -6.30
CA ILE A 182 3.66 -7.56 -7.32
C ILE A 182 2.20 -7.55 -7.69
N LEU A 183 1.47 -6.52 -7.21
CA LEU A 183 0.02 -6.44 -7.35
C LEU A 183 -0.29 -5.16 -8.10
N PRO A 184 -0.30 -5.19 -9.43
CA PRO A 184 -0.53 -3.97 -10.20
C PRO A 184 -1.94 -3.44 -9.99
N ALA A 185 -2.08 -2.13 -10.16
CA ALA A 185 -3.38 -1.46 -10.04
C ALA A 185 -4.18 -1.72 -11.33
N ALA A 186 -4.61 -2.96 -11.47
CA ALA A 186 -5.32 -3.45 -12.65
C ALA A 186 -6.64 -4.06 -12.18
N PRO A 187 -7.67 -3.25 -11.99
CA PRO A 187 -8.92 -3.77 -11.43
C PRO A 187 -9.61 -4.72 -12.39
N GLY A 188 -10.29 -5.72 -11.83
CA GLY A 188 -11.11 -6.62 -12.61
C GLY A 188 -12.54 -6.13 -12.76
N PHE A 189 -13.20 -6.62 -13.81
CA PHE A 189 -14.55 -6.21 -14.14
C PHE A 189 -15.57 -7.32 -13.94
N TYR A 190 -15.18 -8.45 -13.35
CA TYR A 190 -16.06 -9.62 -13.39
C TYR A 190 -17.16 -9.59 -12.34
N HIS A 191 -17.30 -8.49 -11.60
CA HIS A 191 -18.47 -8.25 -10.77
C HIS A 191 -19.26 -7.03 -11.25
N GLN A 192 -19.08 -6.64 -12.50
CA GLN A 192 -19.79 -5.56 -13.16
C GLN A 192 -19.69 -4.26 -12.38
N PRO A 193 -18.51 -3.65 -12.32
CA PRO A 193 -18.38 -2.39 -11.58
C PRO A 193 -19.23 -1.29 -12.21
N GLN A 194 -19.80 -0.45 -11.35
CA GLN A 194 -20.68 0.62 -11.80
C GLN A 194 -20.10 2.01 -11.56
N SER A 195 -18.96 2.12 -10.89
CA SER A 195 -18.39 3.41 -10.56
C SER A 195 -16.88 3.29 -10.45
N VAL A 196 -16.21 4.44 -10.45
CA VAL A 196 -14.78 4.47 -10.19
C VAL A 196 -14.48 3.82 -8.84
N GLU A 197 -15.34 4.08 -7.85
CA GLU A 197 -15.13 3.54 -6.51
C GLU A 197 -15.15 2.02 -6.50
N ASP A 198 -16.00 1.41 -7.34
CA ASP A 198 -16.02 -0.04 -7.45
C ASP A 198 -14.68 -0.58 -7.91
N LEU A 199 -14.05 0.10 -8.88
CA LEU A 199 -12.77 -0.35 -9.40
C LEU A 199 -11.64 -0.12 -8.39
N VAL A 200 -11.64 1.03 -7.72
CA VAL A 200 -10.70 1.27 -6.63
C VAL A 200 -10.83 0.18 -5.57
N ASP A 201 -12.07 -0.12 -5.17
CA ASP A 201 -12.31 -1.11 -4.13
C ASP A 201 -11.85 -2.51 -4.54
N PHE A 202 -11.94 -2.83 -5.83
CA PHE A 202 -11.45 -4.13 -6.29
C PHE A 202 -9.98 -4.30 -5.94
N VAL A 203 -9.16 -3.31 -6.30
CA VAL A 203 -7.73 -3.40 -6.05
C VAL A 203 -7.44 -3.41 -4.56
N VAL A 204 -8.13 -2.57 -3.80
CA VAL A 204 -7.91 -2.54 -2.35
C VAL A 204 -8.27 -3.88 -1.73
N ALA A 205 -9.36 -4.51 -2.21
CA ALA A 205 -9.75 -5.82 -1.70
C ALA A 205 -8.68 -6.87 -1.97
N ARG A 206 -8.06 -6.82 -3.15
CA ARG A 206 -6.97 -7.76 -3.45
C ARG A 206 -5.80 -7.57 -2.50
N ILE A 207 -5.46 -6.31 -2.18
CA ILE A 207 -4.38 -6.05 -1.24
C ILE A 207 -4.71 -6.62 0.13
N LEU A 208 -5.94 -6.39 0.59
CA LEU A 208 -6.35 -6.90 1.90
C LEU A 208 -6.37 -8.42 1.92
N ASN A 209 -6.84 -9.05 0.84
CA ASN A 209 -6.78 -10.49 0.72
C ASN A 209 -5.34 -11.01 0.82
N THR A 210 -4.41 -10.35 0.12
CA THR A 210 -3.02 -10.76 0.15
C THR A 210 -2.44 -10.68 1.56
N LEU A 211 -2.85 -9.65 2.31
CA LEU A 211 -2.39 -9.48 3.68
C LEU A 211 -3.09 -10.40 4.67
N GLY A 212 -4.22 -10.99 4.27
CA GLY A 212 -5.00 -11.80 5.20
C GLY A 212 -5.90 -10.99 6.11
N ILE A 213 -6.30 -9.80 5.69
CA ILE A 213 -7.14 -8.91 6.47
C ILE A 213 -8.57 -8.99 5.94
N PRO A 214 -9.59 -9.11 6.79
CA PRO A 214 -10.95 -9.28 6.28
C PRO A 214 -11.40 -8.09 5.44
N GLN A 215 -12.22 -8.39 4.43
CA GLN A 215 -12.82 -7.38 3.57
C GLN A 215 -14.13 -7.95 3.02
N ASP A 216 -15.10 -7.07 2.80
CA ASP A 216 -16.38 -7.48 2.23
C ASP A 216 -16.70 -6.72 0.94
N MET A 217 -15.70 -6.13 0.30
CA MET A 217 -15.92 -5.43 -0.96
C MET A 217 -15.89 -6.37 -2.15
N LEU A 218 -15.13 -7.46 -2.05
CA LEU A 218 -15.00 -8.42 -3.15
C LEU A 218 -15.40 -9.81 -2.67
N PRO A 219 -16.48 -10.38 -3.20
CA PRO A 219 -16.92 -11.71 -2.73
C PRO A 219 -15.87 -12.77 -3.01
N ARG A 220 -15.99 -13.89 -2.30
CA ARG A 220 -15.13 -15.05 -2.53
C ARG A 220 -15.65 -15.80 -3.75
N TRP A 221 -14.87 -15.76 -4.84
CA TRP A 221 -15.32 -16.30 -6.12
C TRP A 221 -15.74 -17.77 -6.01
N GLY A 222 -16.93 -18.07 -6.52
CA GLY A 222 -17.43 -19.43 -6.60
C GLY A 222 -17.69 -20.12 -5.28
N GLU A 223 -17.77 -19.38 -4.17
CA GLU A 223 -17.89 -20.02 -2.87
C GLU A 223 -19.15 -20.86 -2.76
N GLN A 224 -20.23 -20.48 -3.44
CA GLN A 224 -21.46 -21.25 -3.38
CA GLN A 224 -21.50 -21.18 -3.44
C GLN A 224 -21.63 -22.17 -4.59
N HIS A 225 -20.58 -22.36 -5.37
CA HIS A 225 -20.60 -23.20 -6.56
C HIS A 225 -20.13 -24.61 -6.20
N LEU A 226 -21.02 -25.59 -6.32
CA LEU A 226 -20.82 -26.93 -5.75
C LEU A 226 -20.32 -27.98 -6.74
N VAL A 227 -20.89 -27.98 -7.94
CA VAL A 227 -20.52 -28.93 -8.98
C VAL A 227 -20.79 -28.22 -10.29
N SER A 228 -20.15 -28.67 -11.35
CA SER A 228 -20.22 -27.96 -12.61
C SER A 228 -21.57 -28.12 -13.26
N ASP A 229 -21.98 -27.11 -14.01
CA ASP A 229 -23.29 -27.05 -14.62
C ASP A 229 -23.34 -27.93 -15.87
#